data_7DWF
#
_entry.id   7DWF
#
_cell.length_a   55.055
_cell.length_b   55.055
_cell.length_c   182.635
_cell.angle_alpha   90.000
_cell.angle_beta   90.000
_cell.angle_gamma   90.000
#
_symmetry.space_group_name_H-M   'P 41'
#
loop_
_entity.id
_entity.type
_entity.pdbx_description
1 polymer 'Glutathione S-transferase'
2 water water
#
_entity_poly.entity_id   1
_entity_poly.type   'polypeptide(L)'
_entity_poly.pdbx_seq_one_letter_code
;HHHHHHMAEVKLYGFWPSPFSHRIIWALKLKGVEYEYIEEDLSNKSESLLKYNPVYKKIPVLVHGDKPIAESLVILEYIE
ETWPENPLLPKDPYERAMARFWIQYGVDTVAALRAFYLGSGEELEKAAKELSECLKILEEQGLGDKKFFGGESMNLVDIS
YGALGYWLAAVEEAKGVTVLKPSTLPRLHAWAKNLDELPVVKENIPASDKMLAYVTAAMNRPAKN
;
_entity_poly.pdbx_strand_id   A,B
#
# COMPACT_ATOMS: atom_id res chain seq x y z
N VAL A 10 4.04 -11.54 -22.57
CA VAL A 10 4.37 -11.03 -21.24
C VAL A 10 5.87 -10.86 -21.05
N LYS A 11 6.29 -9.65 -20.69
CA LYS A 11 7.68 -9.35 -20.37
C LYS A 11 7.77 -8.92 -18.92
N LEU A 12 8.91 -9.20 -18.28
CA LEU A 12 9.15 -8.78 -16.89
C LEU A 12 10.53 -8.16 -16.77
N TYR A 13 10.56 -6.87 -16.43
CA TYR A 13 11.79 -6.12 -16.21
C TYR A 13 12.16 -6.27 -14.74
N GLY A 14 13.29 -6.94 -14.48
CA GLY A 14 13.67 -7.23 -13.11
C GLY A 14 15.12 -6.94 -12.79
N PHE A 15 15.53 -7.31 -11.58
CA PHE A 15 16.92 -7.19 -11.15
C PHE A 15 17.23 -8.42 -10.32
N TRP A 16 18.24 -9.20 -10.74
CA TRP A 16 18.40 -10.57 -10.25
C TRP A 16 18.31 -10.76 -8.73
N PRO A 17 18.79 -9.86 -7.85
CA PRO A 17 18.69 -10.14 -6.41
C PRO A 17 17.53 -9.49 -5.66
N SER A 18 16.63 -8.78 -6.34
CA SER A 18 15.56 -8.09 -5.64
C SER A 18 14.39 -9.03 -5.34
N PRO A 19 13.94 -9.14 -4.09
CA PRO A 19 12.73 -9.92 -3.81
C PRO A 19 11.48 -9.35 -4.49
N PHE A 20 11.44 -8.04 -4.76
CA PHE A 20 10.29 -7.47 -5.45
C PHE A 20 10.14 -8.06 -6.85
N SER A 21 11.27 -8.41 -7.51
CA SER A 21 11.23 -9.14 -8.78
C SER A 21 10.85 -10.60 -8.57
N HIS A 22 11.43 -11.25 -7.54
CA HIS A 22 11.17 -12.67 -7.31
C HIS A 22 9.69 -12.94 -7.05
N ARG A 23 9.01 -12.04 -6.33
CA ARG A 23 7.57 -12.14 -6.14
C ARG A 23 6.85 -12.39 -7.47
N ILE A 24 7.17 -11.58 -8.46
CA ILE A 24 6.46 -11.65 -9.73
C ILE A 24 6.80 -12.96 -10.43
N ILE A 25 8.08 -13.35 -10.41
CA ILE A 25 8.48 -14.63 -10.97
C ILE A 25 7.69 -15.76 -10.35
N TRP A 26 7.60 -15.77 -9.01
CA TRP A 26 6.84 -16.84 -8.36
C TRP A 26 5.39 -16.85 -8.83
N ALA A 27 4.77 -15.66 -8.92
CA ALA A 27 3.36 -15.60 -9.26
C ALA A 27 3.12 -16.07 -10.69
N LEU A 28 4.00 -15.65 -11.60
CA LEU A 28 3.88 -16.06 -12.98
C LEU A 28 4.04 -17.56 -13.12
N LYS A 29 5.01 -18.13 -12.39
CA LYS A 29 5.21 -19.59 -12.44
C LYS A 29 4.08 -20.33 -11.75
N LEU A 30 3.45 -19.72 -10.73
CA LEU A 30 2.28 -20.34 -10.12
C LEU A 30 1.07 -20.28 -11.04
N LYS A 31 1.06 -19.37 -12.00
CA LYS A 31 -0.03 -19.31 -12.95
C LYS A 31 0.26 -20.10 -14.22
N GLY A 32 1.51 -20.52 -14.42
CA GLY A 32 1.89 -21.17 -15.66
C GLY A 32 1.95 -20.21 -16.84
N VAL A 33 2.36 -18.98 -16.61
CA VAL A 33 2.45 -18.01 -17.67
C VAL A 33 3.84 -17.83 -18.20
N GLU A 34 3.98 -18.00 -19.49
CA GLU A 34 5.25 -17.85 -20.16
C GLU A 34 5.57 -16.39 -20.24
N TYR A 35 6.82 -16.05 -20.05
CA TYR A 35 7.23 -14.65 -20.10
C TYR A 35 8.67 -14.50 -20.44
N GLU A 36 9.01 -13.33 -20.93
CA GLU A 36 10.39 -12.99 -21.24
C GLU A 36 10.95 -12.14 -20.11
N TYR A 37 12.08 -12.56 -19.55
CA TYR A 37 12.72 -11.81 -18.49
C TYR A 37 13.76 -10.87 -19.08
N ILE A 38 13.89 -9.69 -18.49
CA ILE A 38 14.76 -8.65 -18.98
C ILE A 38 15.49 -8.09 -17.77
N GLU A 39 16.77 -8.42 -17.65
CA GLU A 39 17.57 -7.95 -16.54
C GLU A 39 17.91 -6.48 -16.74
N GLU A 40 17.63 -5.67 -15.73
CA GLU A 40 17.87 -4.24 -15.80
C GLU A 40 19.14 -3.88 -15.04
N ASP A 41 19.90 -2.96 -15.58
CA ASP A 41 21.09 -2.45 -14.94
C ASP A 41 20.66 -1.17 -14.25
N LEU A 42 20.40 -1.29 -12.97
CA LEU A 42 19.91 -0.21 -12.14
C LEU A 42 20.62 1.10 -12.25
N SER A 43 21.89 1.04 -12.60
CA SER A 43 22.68 2.24 -12.73
C SER A 43 22.69 2.76 -14.14
N ASN A 44 22.15 1.98 -15.05
CA ASN A 44 22.15 2.35 -16.41
C ASN A 44 20.89 1.83 -17.00
N LYS A 45 19.80 2.45 -16.57
CA LYS A 45 18.45 2.09 -16.93
C LYS A 45 18.15 2.18 -18.39
N SER A 46 17.53 1.16 -18.92
CA SER A 46 17.17 1.13 -20.30
C SER A 46 16.14 2.19 -20.67
N GLU A 47 16.00 2.46 -21.96
CA GLU A 47 15.05 3.45 -22.39
C GLU A 47 13.72 2.81 -22.20
N SER A 48 13.63 1.51 -22.43
CA SER A 48 12.38 0.80 -22.26
C SER A 48 11.76 0.89 -20.87
N LEU A 49 12.55 0.59 -19.87
CA LEU A 49 12.09 0.65 -18.52
C LEU A 49 11.59 2.03 -18.23
N LEU A 50 12.39 3.02 -18.57
CA LEU A 50 12.05 4.40 -18.32
C LEU A 50 10.80 4.85 -19.00
N LYS A 51 10.55 4.32 -20.17
CA LYS A 51 9.37 4.64 -20.88
C LYS A 51 8.17 4.03 -20.17
N TYR A 52 8.33 2.79 -19.74
CA TYR A 52 7.29 2.02 -19.12
C TYR A 52 6.94 2.43 -17.73
N ASN A 53 7.94 2.73 -16.93
CA ASN A 53 7.75 3.18 -15.54
C ASN A 53 8.30 4.59 -15.34
N PRO A 54 7.71 5.60 -16.01
CA PRO A 54 8.23 6.97 -15.86
C PRO A 54 8.04 7.56 -14.47
N VAL A 55 6.99 7.16 -13.73
CA VAL A 55 6.75 7.77 -12.42
C VAL A 55 7.82 7.37 -11.43
N TYR A 56 8.14 6.07 -11.40
CA TYR A 56 9.05 5.53 -10.39
C TYR A 56 10.41 5.14 -10.95
N LYS A 57 10.50 4.80 -12.23
CA LYS A 57 11.75 4.39 -12.86
C LYS A 57 12.41 3.25 -12.10
N LYS A 58 11.64 2.20 -11.80
CA LYS A 58 12.25 1.06 -11.14
C LYS A 58 11.55 -0.25 -11.48
N ILE A 59 12.18 -1.33 -11.04
CA ILE A 59 11.69 -2.68 -11.26
C ILE A 59 10.96 -3.15 -10.01
N PRO A 60 10.08 -4.16 -10.10
CA PRO A 60 9.68 -4.84 -11.34
C PRO A 60 8.67 -4.06 -12.17
N VAL A 61 8.65 -4.35 -13.47
CA VAL A 61 7.60 -3.88 -14.36
C VAL A 61 7.16 -5.07 -15.20
N LEU A 62 5.87 -5.38 -15.14
CA LEU A 62 5.32 -6.38 -16.03
C LEU A 62 4.74 -5.67 -17.25
N VAL A 63 5.08 -6.17 -18.44
CA VAL A 63 4.56 -5.58 -19.67
C VAL A 63 3.73 -6.65 -20.38
N HIS A 64 2.44 -6.38 -20.55
CA HIS A 64 1.51 -7.36 -21.10
C HIS A 64 0.86 -6.75 -22.34
N GLY A 65 1.30 -7.20 -23.51
CA GLY A 65 0.91 -6.58 -24.76
C GLY A 65 1.28 -5.12 -24.88
N ASP A 66 2.50 -4.77 -24.44
CA ASP A 66 2.98 -3.38 -24.48
C ASP A 66 2.19 -2.43 -23.58
N LYS A 67 1.44 -2.98 -22.63
CA LYS A 67 0.83 -2.20 -21.55
C LYS A 67 1.59 -2.45 -20.25
N PRO A 68 2.20 -1.44 -19.61
CA PRO A 68 3.00 -1.70 -18.41
C PRO A 68 2.25 -1.63 -17.09
N ILE A 69 2.59 -2.54 -16.18
CA ILE A 69 2.15 -2.46 -14.79
C ILE A 69 3.37 -2.39 -13.91
N ALA A 70 3.45 -1.38 -13.05
CA ALA A 70 4.54 -1.22 -12.12
C ALA A 70 4.01 -1.35 -10.70
N GLU A 71 4.95 -1.53 -9.77
CA GLU A 71 4.72 -1.74 -8.33
C GLU A 71 4.33 -3.18 -8.06
N SER A 72 5.21 -3.91 -7.33
CA SER A 72 5.07 -5.35 -7.16
C SER A 72 3.67 -5.75 -6.69
N LEU A 73 3.13 -5.05 -5.69
CA LEU A 73 1.83 -5.43 -5.17
C LEU A 73 0.71 -5.24 -6.19
N VAL A 74 0.79 -4.18 -7.00
CA VAL A 74 -0.20 -3.97 -8.05
C VAL A 74 -0.07 -5.03 -9.14
N ILE A 75 1.17 -5.39 -9.48
CA ILE A 75 1.40 -6.42 -10.50
C ILE A 75 0.78 -7.75 -10.07
N LEU A 76 0.97 -8.12 -8.79
CA LEU A 76 0.44 -9.39 -8.31
C LEU A 76 -1.08 -9.42 -8.42
N GLU A 77 -1.74 -8.33 -8.06
CA GLU A 77 -3.20 -8.30 -8.18
C GLU A 77 -3.62 -8.39 -9.63
N TYR A 78 -2.88 -7.70 -10.51
CA TYR A 78 -3.17 -7.80 -11.94
C TYR A 78 -3.00 -9.23 -12.43
N ILE A 79 -1.93 -9.92 -12.01
CA ILE A 79 -1.74 -11.30 -12.45
C ILE A 79 -2.89 -12.17 -11.97
N GLU A 80 -3.35 -11.96 -10.73
CA GLU A 80 -4.43 -12.78 -10.17
C GLU A 80 -5.72 -12.59 -10.94
N GLU A 81 -6.01 -11.34 -11.35
CA GLU A 81 -7.26 -11.06 -12.07
C GLU A 81 -7.15 -11.45 -13.55
N THR A 82 -5.98 -11.27 -14.17
CA THR A 82 -5.81 -11.61 -15.58
C THR A 82 -5.71 -13.12 -15.80
N TRP A 83 -5.25 -13.87 -14.82
CA TRP A 83 -5.13 -15.33 -14.93
C TRP A 83 -5.77 -15.96 -13.71
N PRO A 84 -7.11 -16.01 -13.66
CA PRO A 84 -7.79 -16.40 -12.41
C PRO A 84 -7.63 -17.87 -12.03
N GLU A 85 -7.20 -18.73 -12.97
CA GLU A 85 -6.96 -20.14 -12.68
C GLU A 85 -5.89 -20.27 -11.60
N ASN A 86 -6.06 -21.24 -10.71
CA ASN A 86 -5.16 -21.40 -9.57
C ASN A 86 -5.21 -20.10 -8.76
N PRO A 87 -6.34 -19.79 -8.13
CA PRO A 87 -6.50 -18.48 -7.51
C PRO A 87 -5.46 -18.28 -6.41
N LEU A 88 -4.90 -17.07 -6.36
CA LEU A 88 -3.94 -16.70 -5.32
C LEU A 88 -4.55 -15.74 -4.31
N LEU A 89 -5.82 -15.43 -4.47
CA LEU A 89 -6.58 -14.72 -3.46
C LEU A 89 -7.83 -15.52 -3.21
N PRO A 90 -8.41 -15.41 -2.03
CA PRO A 90 -9.60 -16.20 -1.73
C PRO A 90 -10.85 -15.64 -2.38
N LYS A 91 -11.90 -16.38 -2.13
CA LYS A 91 -13.23 -16.18 -2.69
C LYS A 91 -13.99 -15.14 -1.88
N ASP A 92 -13.90 -15.22 -0.59
CA ASP A 92 -14.72 -14.45 0.31
C ASP A 92 -14.16 -13.03 0.45
N PRO A 93 -15.00 -11.99 0.29
CA PRO A 93 -14.48 -10.61 0.43
C PRO A 93 -13.78 -10.33 1.76
N TYR A 94 -14.27 -10.87 2.87
CA TYR A 94 -13.61 -10.66 4.16
C TYR A 94 -12.24 -11.31 4.17
N GLU A 95 -12.17 -12.53 3.66
CA GLU A 95 -10.91 -13.24 3.56
C GLU A 95 -9.98 -12.49 2.62
N ARG A 96 -10.50 -12.00 1.51
CA ARG A 96 -9.69 -11.21 0.59
C ARG A 96 -9.16 -9.97 1.29
N ALA A 97 -9.99 -9.37 2.17
CA ALA A 97 -9.58 -8.17 2.89
C ALA A 97 -8.53 -8.46 3.95
N MET A 98 -8.64 -9.63 4.60
CA MET A 98 -7.57 -10.05 5.52
C MET A 98 -6.26 -10.26 4.77
N ALA A 99 -6.32 -10.93 3.63
CA ALA A 99 -5.14 -11.04 2.77
C ALA A 99 -4.54 -9.68 2.48
N ARG A 100 -5.38 -8.73 2.03
CA ARG A 100 -4.87 -7.40 1.69
C ARG A 100 -4.37 -6.67 2.92
N PHE A 101 -5.02 -6.87 4.08
CA PHE A 101 -4.51 -6.25 5.30
C PHE A 101 -3.08 -6.68 5.57
N TRP A 102 -2.83 -8.00 5.54
CA TRP A 102 -1.50 -8.49 5.91
C TRP A 102 -0.48 -8.12 4.86
N ILE A 103 -0.91 -7.96 3.61
CA ILE A 103 -0.01 -7.45 2.58
C ILE A 103 0.34 -6.01 2.87
N GLN A 104 -0.64 -5.24 3.36
CA GLN A 104 -0.40 -3.86 3.73
C GLN A 104 0.65 -3.91 4.84
N TYR A 105 0.38 -4.70 5.88
CA TYR A 105 1.32 -4.87 6.97
C TYR A 105 2.72 -5.20 6.46
N GLY A 106 2.82 -5.76 5.26
CA GLY A 106 4.13 -5.96 4.66
C GLY A 106 4.91 -4.67 4.48
N VAL A 107 4.24 -3.52 4.49
CA VAL A 107 4.92 -2.24 4.36
C VAL A 107 5.67 -1.89 5.65
N ASP A 108 5.04 -2.11 6.82
CA ASP A 108 5.76 -2.01 8.09
C ASP A 108 6.90 -3.03 8.17
N THR A 109 6.69 -4.25 7.67
CA THR A 109 7.75 -5.25 7.72
C THR A 109 8.96 -4.84 6.87
N VAL A 110 8.72 -4.37 5.65
CA VAL A 110 9.81 -3.87 4.82
C VAL A 110 10.59 -2.78 5.53
N ALA A 111 9.88 -1.82 6.14
CA ALA A 111 10.57 -0.76 6.88
C ALA A 111 11.36 -1.32 8.06
N ALA A 112 10.79 -2.27 8.80
CA ALA A 112 11.56 -2.88 9.88
C ALA A 112 12.76 -3.64 9.32
N LEU A 113 12.60 -4.24 8.14
CA LEU A 113 13.69 -5.00 7.53
C LEU A 113 14.84 -4.09 7.11
N ARG A 114 14.49 -2.91 6.66
CA ARG A 114 15.49 -2.00 6.24
C ARG A 114 16.28 -1.43 7.37
N ALA A 115 15.65 -1.16 8.49
CA ALA A 115 16.37 -0.63 9.61
C ALA A 115 17.39 -1.64 10.01
N PHE A 116 17.01 -2.90 10.01
CA PHE A 116 17.90 -3.97 10.38
C PHE A 116 19.02 -4.03 9.41
N TYR A 117 18.69 -3.98 8.15
CA TYR A 117 19.67 -4.05 7.11
C TYR A 117 20.74 -2.98 7.17
N LEU A 118 20.38 -1.81 7.68
CA LEU A 118 21.28 -0.70 7.74
C LEU A 118 21.78 -0.42 9.10
N GLY A 119 21.44 -1.26 10.04
CA GLY A 119 21.86 -1.05 11.39
C GLY A 119 23.27 -1.52 11.51
N SER A 120 23.89 -1.15 12.60
CA SER A 120 25.25 -1.53 12.88
C SER A 120 25.56 -0.97 14.21
N GLY A 121 25.60 -1.85 15.20
CA GLY A 121 25.88 -1.50 16.58
C GLY A 121 24.79 -0.58 17.03
N GLU A 122 24.48 -0.61 18.32
CA GLU A 122 23.46 0.25 18.85
C GLU A 122 22.14 0.10 18.09
N GLU A 123 22.03 0.78 16.96
CA GLU A 123 20.84 0.78 16.15
C GLU A 123 20.50 -0.59 15.61
N LEU A 124 21.52 -1.40 15.38
CA LEU A 124 21.34 -2.73 14.90
C LEU A 124 20.62 -3.56 15.93
N GLU A 125 21.18 -3.64 17.11
CA GLU A 125 20.56 -4.41 18.16
C GLU A 125 19.12 -3.99 18.34
N LYS A 126 18.85 -2.72 18.15
CA LYS A 126 17.52 -2.24 18.33
C LYS A 126 16.65 -2.48 17.13
N ALA A 127 17.28 -2.51 15.98
CA ALA A 127 16.57 -2.76 14.78
C ALA A 127 16.11 -4.19 14.82
N ALA A 128 16.94 -5.08 15.31
CA ALA A 128 16.60 -6.49 15.35
C ALA A 128 15.49 -6.80 16.27
N LYS A 129 15.44 -6.13 17.41
CA LYS A 129 14.41 -6.37 18.35
C LYS A 129 13.09 -5.84 17.82
N GLU A 130 13.11 -4.74 17.12
CA GLU A 130 11.85 -4.26 16.58
C GLU A 130 11.39 -5.09 15.38
N LEU A 131 12.33 -5.58 14.57
CA LEU A 131 11.97 -6.56 13.55
C LEU A 131 11.34 -7.79 14.20
N SER A 132 11.91 -8.28 15.30
CA SER A 132 11.36 -9.46 15.95
C SER A 132 9.93 -9.20 16.38
N GLU A 133 9.68 -8.03 16.98
CA GLU A 133 8.34 -7.69 17.40
C GLU A 133 7.40 -7.59 16.21
N CYS A 134 7.82 -6.87 15.18
CA CYS A 134 7.07 -6.87 13.93
C CYS A 134 6.75 -8.29 13.46
N LEU A 135 7.72 -9.20 13.55
CA LEU A 135 7.51 -10.56 13.05
C LEU A 135 6.56 -11.36 13.94
N LYS A 136 6.60 -11.13 15.25
CA LYS A 136 5.77 -11.93 16.15
C LYS A 136 4.28 -11.60 15.95
N ILE A 137 3.97 -10.32 15.71
CA ILE A 137 2.61 -9.92 15.39
C ILE A 137 2.14 -10.64 14.14
N LEU A 138 2.99 -10.66 13.11
CA LEU A 138 2.64 -11.32 11.87
C LEU A 138 2.38 -12.80 12.10
N GLU A 139 3.27 -13.45 12.85
CA GLU A 139 3.09 -14.88 13.10
C GLU A 139 1.81 -15.16 13.88
N GLU A 140 1.57 -14.40 14.93
CA GLU A 140 0.53 -14.75 15.87
C GLU A 140 -0.85 -14.30 15.41
N GLN A 141 -0.95 -13.16 14.71
CA GLN A 141 -2.25 -12.69 14.25
C GLN A 141 -2.51 -12.90 12.76
N GLY A 142 -1.48 -13.10 11.94
CA GLY A 142 -1.72 -13.33 10.53
C GLY A 142 -1.59 -14.78 10.15
N LEU A 143 -0.39 -15.35 10.33
CA LEU A 143 -0.18 -16.75 9.97
C LEU A 143 -1.01 -17.68 10.86
N GLY A 144 -0.99 -17.45 12.17
CA GLY A 144 -1.63 -18.40 13.08
C GLY A 144 -1.10 -19.82 12.93
N ASP A 145 -1.99 -20.79 13.07
CA ASP A 145 -1.63 -22.20 12.97
C ASP A 145 -1.71 -22.76 11.55
N LYS A 146 -1.89 -21.91 10.56
CA LYS A 146 -2.01 -22.36 9.21
C LYS A 146 -0.68 -22.71 8.61
N LYS A 147 -0.71 -23.63 7.68
CA LYS A 147 0.48 -24.04 7.01
C LYS A 147 1.03 -22.90 6.18
N PHE A 148 0.17 -22.19 5.49
CA PHE A 148 0.57 -21.05 4.70
C PHE A 148 -0.35 -19.95 5.05
N PHE A 149 -0.02 -18.72 4.68
CA PHE A 149 -1.00 -17.65 4.84
C PHE A 149 -2.23 -17.91 3.99
N GLY A 150 -2.05 -18.58 2.85
CA GLY A 150 -3.18 -19.04 2.05
C GLY A 150 -3.91 -20.25 2.60
N GLY A 151 -3.57 -20.71 3.80
CA GLY A 151 -4.19 -21.93 4.33
C GLY A 151 -3.38 -23.17 3.97
N GLU A 152 -3.87 -23.95 3.00
CA GLU A 152 -3.20 -25.18 2.58
C GLU A 152 -2.35 -25.01 1.33
N SER A 153 -2.43 -23.87 0.65
CA SER A 153 -1.54 -23.58 -0.46
C SER A 153 -1.16 -22.11 -0.40
N MET A 154 -0.16 -21.71 -1.18
CA MET A 154 0.33 -20.34 -1.19
C MET A 154 -0.72 -19.41 -1.75
N ASN A 155 -0.89 -18.24 -1.11
CA ASN A 155 -1.66 -17.14 -1.70
C ASN A 155 -0.71 -15.95 -1.91
N LEU A 156 -1.28 -14.78 -2.24
CA LEU A 156 -0.46 -13.60 -2.49
C LEU A 156 0.26 -13.11 -1.23
N VAL A 157 -0.27 -13.41 -0.04
CA VAL A 157 0.43 -13.04 1.19
C VAL A 157 1.69 -13.86 1.36
N ASP A 158 1.63 -15.15 1.04
CA ASP A 158 2.84 -15.98 1.07
C ASP A 158 3.89 -15.43 0.11
N ILE A 159 3.47 -15.08 -1.10
CA ILE A 159 4.42 -14.52 -2.07
C ILE A 159 5.01 -13.22 -1.54
N SER A 160 4.18 -12.40 -0.88
CA SER A 160 4.67 -11.10 -0.41
C SER A 160 5.71 -11.26 0.69
N TYR A 161 5.55 -12.27 1.54
CA TYR A 161 6.45 -12.43 2.68
C TYR A 161 7.55 -13.46 2.43
N GLY A 162 7.63 -14.02 1.21
CA GLY A 162 8.61 -15.09 0.97
C GLY A 162 10.04 -14.67 1.29
N ALA A 163 10.36 -13.40 1.04
CA ALA A 163 11.66 -12.83 1.37
C ALA A 163 12.10 -13.10 2.82
N LEU A 164 11.16 -13.41 3.72
CA LEU A 164 11.55 -13.73 5.09
C LEU A 164 12.34 -15.05 5.18
N GLY A 165 12.36 -15.88 4.12
CA GLY A 165 13.24 -17.03 4.09
C GLY A 165 14.60 -16.67 3.55
N TYR A 166 14.80 -16.90 2.25
CA TYR A 166 16.12 -16.80 1.63
C TYR A 166 16.75 -15.42 1.80
N TRP A 167 15.97 -14.34 1.64
CA TRP A 167 16.57 -13.01 1.64
C TRP A 167 16.94 -12.54 3.04
N LEU A 168 16.05 -12.70 4.01
CA LEU A 168 16.40 -12.30 5.37
C LEU A 168 17.53 -13.15 5.93
N ALA A 169 17.59 -14.44 5.56
CA ALA A 169 18.67 -15.31 5.98
C ALA A 169 20.02 -14.81 5.48
N ALA A 170 20.09 -14.41 4.21
CA ALA A 170 21.28 -13.75 3.69
C ALA A 170 21.67 -12.55 4.54
N VAL A 171 20.70 -11.69 4.85
CA VAL A 171 20.99 -10.47 5.60
C VAL A 171 21.43 -10.80 7.01
N GLU A 172 20.80 -11.81 7.63
CA GLU A 172 21.15 -12.18 8.99
C GLU A 172 22.58 -12.70 9.05
N GLU A 173 22.96 -13.55 8.09
CA GLU A 173 24.34 -14.04 8.02
C GLU A 173 25.32 -12.88 7.82
N ALA A 174 25.01 -11.98 6.90
CA ALA A 174 25.83 -10.78 6.74
C ALA A 174 25.93 -10.02 8.05
N LYS A 175 24.80 -9.73 8.70
CA LYS A 175 24.78 -8.94 9.92
C LYS A 175 25.39 -9.67 11.12
N GLY A 176 25.54 -11.00 11.05
CA GLY A 176 25.90 -11.76 12.23
C GLY A 176 24.84 -11.77 13.31
N VAL A 177 23.60 -11.44 12.96
CA VAL A 177 22.46 -11.48 13.87
C VAL A 177 21.34 -12.24 13.20
N THR A 178 20.77 -13.22 13.89
CA THR A 178 19.56 -13.89 13.44
C THR A 178 18.36 -13.32 14.19
N VAL A 179 17.31 -12.94 13.46
CA VAL A 179 16.05 -12.52 14.06
C VAL A 179 14.98 -13.59 13.92
N LEU A 180 14.85 -14.17 12.72
CA LEU A 180 13.81 -15.17 12.51
C LEU A 180 14.38 -16.50 12.97
N LYS A 181 14.11 -16.82 14.24
CA LYS A 181 14.71 -18.03 14.78
C LYS A 181 13.63 -18.99 15.29
N PRO A 182 13.90 -20.29 15.22
CA PRO A 182 12.89 -21.26 15.63
C PRO A 182 12.44 -21.11 17.07
N SER A 183 13.31 -20.65 17.96
CA SER A 183 12.98 -20.67 19.39
C SER A 183 12.03 -19.54 19.76
N THR A 184 12.15 -18.40 19.11
CA THR A 184 11.26 -17.27 19.39
C THR A 184 10.10 -17.14 18.40
N LEU A 185 10.21 -17.73 17.22
CA LEU A 185 9.14 -17.67 16.21
C LEU A 185 9.00 -19.03 15.55
N PRO A 186 8.55 -20.04 16.30
CA PRO A 186 8.55 -21.41 15.73
C PRO A 186 7.61 -21.57 14.55
N ARG A 187 6.41 -21.00 14.64
CA ARG A 187 5.46 -21.13 13.54
C ARG A 187 5.93 -20.37 12.30
N LEU A 188 6.40 -19.13 12.47
CA LEU A 188 6.84 -18.38 11.30
C LEU A 188 8.13 -18.96 10.72
N HIS A 189 9.05 -19.43 11.57
CA HIS A 189 10.26 -20.05 11.06
C HIS A 189 9.94 -21.32 10.27
N ALA A 190 9.09 -22.19 10.84
CA ALA A 190 8.66 -23.38 10.10
C ALA A 190 7.97 -23.01 8.78
N TRP A 191 7.17 -21.93 8.79
CA TRP A 191 6.53 -21.49 7.56
C TRP A 191 7.58 -21.08 6.53
N ALA A 192 8.56 -20.26 6.94
CA ALA A 192 9.56 -19.76 6.00
C ALA A 192 10.46 -20.88 5.52
N LYS A 193 10.72 -21.85 6.36
CA LYS A 193 11.55 -22.98 5.97
C LYS A 193 10.79 -23.83 4.97
N ASN A 194 9.51 -24.07 5.19
CA ASN A 194 8.75 -24.88 4.26
C ASN A 194 8.63 -24.18 2.91
N LEU A 195 8.33 -22.88 2.93
CA LEU A 195 8.22 -22.15 1.67
C LEU A 195 9.52 -22.22 0.89
N ASP A 196 10.62 -22.04 1.58
CA ASP A 196 11.91 -21.92 0.94
C ASP A 196 12.34 -23.25 0.28
N GLU A 197 11.73 -24.37 0.67
CA GLU A 197 11.96 -25.69 0.07
C GLU A 197 10.99 -26.01 -1.05
N LEU A 198 9.90 -25.25 -1.19
CA LEU A 198 8.97 -25.43 -2.28
C LEU A 198 9.68 -25.18 -3.60
N PRO A 199 9.62 -26.12 -4.57
CA PRO A 199 10.34 -25.92 -5.84
C PRO A 199 9.98 -24.62 -6.55
N VAL A 200 8.72 -24.17 -6.50
CA VAL A 200 8.42 -22.90 -7.17
C VAL A 200 9.25 -21.77 -6.57
N VAL A 201 9.54 -21.83 -5.26
CA VAL A 201 10.41 -20.83 -4.67
C VAL A 201 11.87 -21.19 -4.93
N LYS A 202 12.26 -22.42 -4.56
CA LYS A 202 13.66 -22.83 -4.64
C LYS A 202 14.26 -22.65 -6.03
N GLU A 203 13.51 -23.01 -7.08
CA GLU A 203 14.03 -22.88 -8.43
C GLU A 203 14.04 -21.45 -8.94
N ASN A 204 13.62 -20.49 -8.12
CA ASN A 204 13.38 -19.14 -8.60
C ASN A 204 13.88 -18.09 -7.61
N ILE A 205 14.92 -18.43 -6.85
CA ILE A 205 15.69 -17.46 -6.07
C ILE A 205 17.15 -17.64 -6.41
N PRO A 206 17.97 -16.61 -6.20
CA PRO A 206 19.40 -16.75 -6.42
C PRO A 206 20.01 -17.77 -5.47
N ALA A 207 21.13 -18.32 -5.88
CA ALA A 207 21.89 -19.23 -5.06
C ALA A 207 22.24 -18.53 -3.74
N SER A 208 22.17 -19.24 -2.64
CA SER A 208 22.46 -18.65 -1.35
C SER A 208 23.80 -17.97 -1.31
N ASP A 209 24.81 -18.60 -1.88
CA ASP A 209 26.13 -18.02 -1.87
C ASP A 209 26.15 -16.71 -2.60
N LYS A 210 25.50 -16.66 -3.73
CA LYS A 210 25.43 -15.46 -4.52
C LYS A 210 24.58 -14.37 -3.88
N MET A 211 23.56 -14.79 -3.15
CA MET A 211 22.68 -13.86 -2.48
C MET A 211 23.40 -13.21 -1.32
N LEU A 212 24.17 -13.98 -0.58
CA LEU A 212 24.91 -13.44 0.53
C LEU A 212 25.91 -12.40 0.05
N ALA A 213 26.65 -12.75 -0.98
CA ALA A 213 27.65 -11.85 -1.51
C ALA A 213 27.11 -10.49 -1.90
N TYR A 214 25.93 -10.47 -2.50
CA TYR A 214 25.36 -9.21 -2.90
C TYR A 214 24.95 -8.38 -1.71
N VAL A 215 24.31 -9.00 -0.75
CA VAL A 215 23.88 -8.28 0.44
C VAL A 215 25.12 -7.69 1.06
N THR A 216 26.19 -8.46 1.07
CA THR A 216 27.41 -8.01 1.66
C THR A 216 27.91 -6.77 0.96
N ALA A 217 28.04 -6.84 -0.34
CA ALA A 217 28.50 -5.69 -1.09
C ALA A 217 27.65 -4.50 -0.75
N ALA A 218 26.35 -4.63 -0.87
CA ALA A 218 25.46 -3.53 -0.61
C ALA A 218 25.57 -2.96 0.79
N MET A 219 26.32 -3.62 1.65
CA MET A 219 26.47 -3.14 3.00
C MET A 219 27.80 -2.41 3.18
N VAL B 10 -23.45 -2.94 10.02
CA VAL B 10 -22.28 -2.15 9.62
C VAL B 10 -22.00 -0.99 10.57
N LYS B 11 -20.78 -0.96 11.09
CA LYS B 11 -20.34 0.03 12.06
C LYS B 11 -19.03 0.63 11.57
N LEU B 12 -18.83 1.94 11.78
CA LEU B 12 -17.60 2.62 11.38
C LEU B 12 -17.04 3.40 12.56
N TYR B 13 -15.83 3.03 12.99
CA TYR B 13 -15.10 3.74 14.04
C TYR B 13 -14.23 4.80 13.37
N GLY B 14 -14.54 6.07 13.63
CA GLY B 14 -13.89 7.18 12.96
C GLY B 14 -13.36 8.22 13.94
N PHE B 15 -12.73 9.25 13.38
CA PHE B 15 -12.35 10.45 14.12
C PHE B 15 -12.73 11.63 13.23
N TRP B 16 -13.56 12.53 13.76
CA TRP B 16 -14.25 13.50 12.92
C TRP B 16 -13.38 14.28 11.92
N PRO B 17 -12.14 14.67 12.22
CA PRO B 17 -11.41 15.47 11.22
C PRO B 17 -10.49 14.68 10.28
N SER B 18 -10.46 13.35 10.38
CA SER B 18 -9.48 12.55 9.64
C SER B 18 -9.98 12.22 8.23
N PRO B 19 -9.24 12.59 7.17
CA PRO B 19 -9.63 12.15 5.82
C PRO B 19 -9.67 10.64 5.66
N PHE B 20 -8.91 9.89 6.45
CA PHE B 20 -8.95 8.43 6.32
C PHE B 20 -10.33 7.90 6.66
N SER B 21 -11.04 8.50 7.63
CA SER B 21 -12.39 8.00 7.88
C SER B 21 -13.42 8.66 6.98
N HIS B 22 -13.17 9.89 6.51
CA HIS B 22 -14.05 10.51 5.52
C HIS B 22 -14.15 9.67 4.24
N ARG B 23 -13.02 9.17 3.75
CA ARG B 23 -12.99 8.23 2.63
C ARG B 23 -14.05 7.14 2.75
N ILE B 24 -14.16 6.54 3.94
CA ILE B 24 -15.06 5.41 4.11
C ILE B 24 -16.50 5.90 4.09
N ILE B 25 -16.78 7.04 4.73
CA ILE B 25 -18.12 7.63 4.69
C ILE B 25 -18.55 7.85 3.25
N TRP B 26 -17.67 8.46 2.45
CA TRP B 26 -18.02 8.68 1.05
C TRP B 26 -18.35 7.36 0.35
N ALA B 27 -17.52 6.34 0.56
CA ALA B 27 -17.72 5.06 -0.14
C ALA B 27 -19.02 4.40 0.29
N LEU B 28 -19.28 4.38 1.60
CA LEU B 28 -20.54 3.82 2.08
C LEU B 28 -21.74 4.57 1.50
N LYS B 29 -21.67 5.91 1.48
CA LYS B 29 -22.78 6.69 0.94
C LYS B 29 -22.89 6.54 -0.57
N LEU B 30 -21.78 6.29 -1.26
CA LEU B 30 -21.87 5.99 -2.68
C LEU B 30 -22.44 4.60 -2.92
N LYS B 31 -22.39 3.72 -1.93
CA LYS B 31 -23.03 2.42 -2.08
C LYS B 31 -24.44 2.41 -1.54
N GLY B 32 -24.85 3.49 -0.86
CA GLY B 32 -26.12 3.50 -0.16
C GLY B 32 -26.18 2.53 1.01
N VAL B 33 -25.08 2.33 1.72
CA VAL B 33 -25.05 1.40 2.83
C VAL B 33 -25.34 2.14 4.12
N GLU B 34 -26.28 1.66 4.90
CA GLU B 34 -26.60 2.26 6.20
C GLU B 34 -25.57 1.81 7.19
N TYR B 35 -25.09 2.70 8.02
CA TYR B 35 -24.02 2.36 8.95
C TYR B 35 -24.18 3.19 10.21
N GLU B 36 -23.70 2.65 11.31
CA GLU B 36 -23.62 3.39 12.56
C GLU B 36 -22.20 3.94 12.72
N TYR B 37 -22.08 5.21 13.09
CA TYR B 37 -20.78 5.87 13.25
C TYR B 37 -20.45 5.99 14.72
N ILE B 38 -19.21 5.63 15.07
CA ILE B 38 -18.72 5.69 16.44
C ILE B 38 -17.49 6.58 16.45
N GLU B 39 -17.56 7.67 17.21
CA GLU B 39 -16.51 8.68 17.26
C GLU B 39 -15.52 8.29 18.35
N GLU B 40 -14.28 8.04 17.94
CA GLU B 40 -13.26 7.63 18.88
C GLU B 40 -12.48 8.84 19.38
N ASP B 41 -12.02 8.74 20.61
CA ASP B 41 -11.18 9.74 21.21
C ASP B 41 -9.78 9.16 21.20
N LEU B 42 -9.02 9.53 20.19
CA LEU B 42 -7.67 9.05 19.97
C LEU B 42 -6.74 9.07 21.15
N SER B 43 -7.17 9.68 22.22
CA SER B 43 -6.36 9.73 23.41
C SER B 43 -6.87 8.72 24.39
N ASN B 44 -8.14 8.43 24.29
CA ASN B 44 -8.76 7.54 25.20
C ASN B 44 -9.57 6.51 24.45
N LYS B 45 -8.86 5.63 23.76
CA LYS B 45 -9.43 4.60 22.94
C LYS B 45 -10.29 3.56 23.61
N SER B 46 -11.47 3.39 23.10
CA SER B 46 -12.40 2.45 23.62
C SER B 46 -11.84 1.06 23.65
N GLU B 47 -12.52 0.14 24.32
CA GLU B 47 -12.05 -1.22 24.36
C GLU B 47 -12.41 -1.82 23.05
N SER B 48 -13.57 -1.45 22.54
CA SER B 48 -14.01 -1.97 21.28
C SER B 48 -13.00 -1.73 20.14
N LEU B 49 -12.58 -0.50 19.99
CA LEU B 49 -11.62 -0.17 18.98
C LEU B 49 -10.37 -1.00 19.17
N LEU B 50 -9.94 -1.17 20.40
CA LEU B 50 -8.74 -1.91 20.71
C LEU B 50 -8.90 -3.39 20.47
N LYS B 51 -10.11 -3.88 20.61
CA LYS B 51 -10.37 -5.27 20.36
C LYS B 51 -10.47 -5.52 18.86
N TYR B 52 -10.92 -4.51 18.12
CA TYR B 52 -11.12 -4.62 16.70
C TYR B 52 -9.86 -4.51 15.85
N ASN B 53 -9.02 -3.54 16.12
CA ASN B 53 -7.73 -3.40 15.45
C ASN B 53 -6.54 -3.42 16.39
N PRO B 54 -6.30 -4.56 17.02
CA PRO B 54 -5.15 -4.69 17.95
C PRO B 54 -3.80 -4.47 17.28
N VAL B 55 -3.66 -4.71 15.98
CA VAL B 55 -2.36 -4.53 15.33
C VAL B 55 -1.98 -3.06 15.30
N TYR B 56 -2.87 -2.22 14.78
CA TYR B 56 -2.56 -0.81 14.57
C TYR B 56 -3.18 0.12 15.60
N LYS B 57 -4.30 -0.27 16.20
CA LYS B 57 -5.00 0.57 17.17
C LYS B 57 -5.33 1.95 16.58
N LYS B 58 -5.72 1.95 15.29
CA LYS B 58 -6.05 3.15 14.53
C LYS B 58 -7.48 3.11 14.01
N ILE B 59 -8.02 4.30 13.73
CA ILE B 59 -9.19 4.49 12.89
C ILE B 59 -8.73 4.71 11.46
N PRO B 60 -9.54 4.43 10.46
CA PRO B 60 -10.88 3.86 10.61
C PRO B 60 -10.91 2.34 10.73
N VAL B 61 -11.98 1.85 11.35
CA VAL B 61 -12.25 0.42 11.35
C VAL B 61 -13.70 0.23 10.94
N LEU B 62 -13.92 -0.55 9.89
CA LEU B 62 -15.26 -0.97 9.53
C LEU B 62 -15.55 -2.32 10.17
N VAL B 63 -16.74 -2.46 10.76
CA VAL B 63 -17.15 -3.69 11.44
C VAL B 63 -18.44 -4.16 10.79
N HIS B 64 -18.40 -5.34 10.18
CA HIS B 64 -19.51 -5.87 9.40
C HIS B 64 -19.88 -7.25 9.91
N GLY B 65 -21.08 -7.40 10.47
CA GLY B 65 -21.40 -8.67 11.10
C GLY B 65 -20.45 -9.00 12.22
N ASP B 66 -19.97 -7.97 12.93
CA ASP B 66 -19.04 -8.05 14.04
C ASP B 66 -17.66 -8.58 13.61
N LYS B 67 -17.31 -8.46 12.32
CA LYS B 67 -15.98 -8.79 11.80
C LYS B 67 -15.26 -7.52 11.35
N PRO B 68 -14.10 -7.18 11.92
CA PRO B 68 -13.49 -5.88 11.64
C PRO B 68 -12.52 -5.87 10.45
N ILE B 69 -12.54 -4.75 9.71
CA ILE B 69 -11.53 -4.47 8.69
C ILE B 69 -10.90 -3.12 9.04
N ALA B 70 -9.57 -3.08 9.11
CA ALA B 70 -8.82 -1.85 9.30
C ALA B 70 -8.00 -1.56 8.05
N GLU B 71 -7.41 -0.35 8.04
CA GLU B 71 -6.66 0.25 6.92
C GLU B 71 -7.62 0.76 5.85
N SER B 72 -7.69 2.08 5.68
CA SER B 72 -8.73 2.69 4.86
C SER B 72 -8.73 2.09 3.45
N LEU B 73 -7.53 1.85 2.90
CA LEU B 73 -7.47 1.37 1.52
C LEU B 73 -7.98 -0.07 1.41
N VAL B 74 -7.81 -0.88 2.46
CA VAL B 74 -8.35 -2.24 2.48
C VAL B 74 -9.86 -2.22 2.73
N ILE B 75 -10.31 -1.33 3.62
CA ILE B 75 -11.75 -1.15 3.82
C ILE B 75 -12.43 -0.82 2.49
N LEU B 76 -11.83 0.11 1.72
CA LEU B 76 -12.47 0.54 0.47
C LEU B 76 -12.61 -0.62 -0.51
N GLU B 77 -11.58 -1.46 -0.64
CA GLU B 77 -11.70 -2.64 -1.50
C GLU B 77 -12.76 -3.59 -0.98
N TYR B 78 -12.81 -3.77 0.35
CA TYR B 78 -13.86 -4.60 0.94
C TYR B 78 -15.25 -4.10 0.58
N ILE B 79 -15.47 -2.77 0.75
CA ILE B 79 -16.78 -2.20 0.43
C ILE B 79 -17.12 -2.45 -1.03
N GLU B 80 -16.14 -2.26 -1.92
CA GLU B 80 -16.41 -2.42 -3.36
C GLU B 80 -16.77 -3.85 -3.70
N GLU B 81 -16.09 -4.82 -3.09
CA GLU B 81 -16.42 -6.22 -3.36
C GLU B 81 -17.68 -6.66 -2.63
N THR B 82 -17.98 -6.11 -1.45
CA THR B 82 -19.12 -6.59 -0.69
C THR B 82 -20.43 -6.01 -1.21
N TRP B 83 -20.42 -4.78 -1.71
CA TRP B 83 -21.60 -4.15 -2.31
C TRP B 83 -21.22 -3.76 -3.73
N PRO B 84 -21.20 -4.71 -4.67
CA PRO B 84 -20.62 -4.43 -5.99
C PRO B 84 -21.41 -3.44 -6.83
N GLU B 85 -22.65 -3.16 -6.47
CA GLU B 85 -23.47 -2.21 -7.23
C GLU B 85 -22.80 -0.84 -7.28
N ASN B 86 -23.13 -0.04 -8.30
CA ASN B 86 -22.53 1.28 -8.41
C ASN B 86 -21.02 1.07 -8.26
N PRO B 87 -20.38 0.45 -9.25
CA PRO B 87 -18.99 0.00 -9.06
C PRO B 87 -18.04 1.18 -8.92
N LEU B 88 -17.13 1.08 -7.96
CA LEU B 88 -16.10 2.10 -7.71
C LEU B 88 -14.74 1.63 -8.19
N LEU B 89 -14.68 0.46 -8.79
CA LEU B 89 -13.49 0.09 -9.52
C LEU B 89 -13.93 -0.34 -10.89
N PRO B 90 -13.09 -0.21 -11.90
CA PRO B 90 -13.49 -0.64 -13.22
C PRO B 90 -13.48 -2.15 -13.37
N LYS B 91 -13.77 -2.51 -14.60
CA LYS B 91 -14.05 -3.82 -15.15
C LYS B 91 -12.76 -4.47 -15.66
N ASP B 92 -12.03 -3.77 -16.48
CA ASP B 92 -10.83 -4.32 -17.10
C ASP B 92 -9.71 -4.49 -16.06
N PRO B 93 -9.08 -5.66 -15.96
CA PRO B 93 -7.94 -5.81 -15.03
C PRO B 93 -6.86 -4.75 -15.20
N TYR B 94 -6.53 -4.36 -16.44
CA TYR B 94 -5.51 -3.34 -16.61
C TYR B 94 -5.96 -2.00 -16.06
N GLU B 95 -7.21 -1.62 -16.31
CA GLU B 95 -7.75 -0.40 -15.70
C GLU B 95 -7.79 -0.54 -14.18
N ARG B 96 -8.17 -1.72 -13.68
CA ARG B 96 -8.16 -1.92 -12.24
C ARG B 96 -6.75 -1.74 -11.69
N ALA B 97 -5.74 -2.18 -12.44
CA ALA B 97 -4.36 -2.05 -12.02
C ALA B 97 -3.89 -0.60 -12.05
N MET B 98 -4.32 0.16 -13.06
CA MET B 98 -4.00 1.58 -13.08
C MET B 98 -4.64 2.30 -11.90
N ALA B 99 -5.89 2.00 -11.59
CA ALA B 99 -6.51 2.47 -10.35
C ALA B 99 -5.64 2.17 -9.14
N ARG B 100 -5.21 0.90 -9.00
CA ARG B 100 -4.46 0.52 -7.81
C ARG B 100 -3.09 1.16 -7.79
N PHE B 101 -2.46 1.29 -8.96
CA PHE B 101 -1.19 2.01 -9.02
C PHE B 101 -1.32 3.41 -8.43
N TRP B 102 -2.33 4.16 -8.88
CA TRP B 102 -2.43 5.55 -8.45
C TRP B 102 -2.80 5.65 -7.00
N ILE B 103 -3.60 4.69 -6.51
CA ILE B 103 -3.87 4.64 -5.08
C ILE B 103 -2.57 4.38 -4.32
N GLN B 104 -1.74 3.49 -4.83
CA GLN B 104 -0.44 3.27 -4.19
C GLN B 104 0.42 4.51 -4.26
N TYR B 105 0.33 5.26 -5.37
CA TYR B 105 1.00 6.54 -5.45
C TYR B 105 0.49 7.48 -4.37
N GLY B 106 -0.72 7.26 -3.87
CA GLY B 106 -1.24 8.03 -2.76
C GLY B 106 -0.35 8.00 -1.53
N VAL B 107 0.51 6.98 -1.41
CA VAL B 107 1.43 6.84 -0.27
C VAL B 107 2.53 7.89 -0.35
N ASP B 108 3.15 8.05 -1.52
CA ASP B 108 4.08 9.16 -1.73
C ASP B 108 3.39 10.50 -1.49
N THR B 109 2.13 10.63 -1.91
CA THR B 109 1.41 11.89 -1.73
C THR B 109 1.19 12.19 -0.25
N VAL B 110 0.71 11.21 0.52
CA VAL B 110 0.55 11.37 1.97
C VAL B 110 1.86 11.81 2.60
N ALA B 111 2.98 11.19 2.21
CA ALA B 111 4.28 11.59 2.74
C ALA B 111 4.64 13.01 2.33
N ALA B 112 4.36 13.39 1.08
CA ALA B 112 4.62 14.77 0.69
C ALA B 112 3.72 15.74 1.46
N LEU B 113 2.50 15.30 1.79
CA LEU B 113 1.56 16.18 2.49
C LEU B 113 1.98 16.41 3.93
N ARG B 114 2.41 15.36 4.59
CA ARG B 114 2.79 15.52 5.95
C ARG B 114 3.97 16.41 6.06
N ALA B 115 4.93 16.27 5.16
CA ALA B 115 6.08 17.13 5.20
C ALA B 115 5.70 18.58 5.12
N PHE B 116 4.81 18.91 4.23
CA PHE B 116 4.36 20.25 4.05
C PHE B 116 3.71 20.69 5.34
N TYR B 117 2.96 19.80 5.90
CA TYR B 117 2.24 20.04 7.10
C TYR B 117 3.06 20.30 8.32
N LEU B 118 4.23 19.71 8.40
CA LEU B 118 5.05 19.84 9.57
C LEU B 118 6.08 20.89 9.46
N GLY B 119 6.56 21.11 8.27
CA GLY B 119 7.62 22.04 8.05
C GLY B 119 7.37 23.48 8.30
N SER B 120 8.47 24.21 8.35
CA SER B 120 8.46 25.64 8.54
C SER B 120 9.75 26.23 8.02
N GLY B 121 9.65 27.44 7.52
CA GLY B 121 10.73 28.21 6.96
C GLY B 121 11.77 27.48 6.14
N GLU B 122 11.75 27.70 4.85
CA GLU B 122 12.69 27.07 3.98
C GLU B 122 12.44 25.60 3.95
N GLU B 123 12.11 25.01 5.07
CA GLU B 123 11.81 23.60 5.11
C GLU B 123 10.42 23.49 4.57
N LEU B 124 9.58 24.43 4.95
CA LEU B 124 8.23 24.48 4.51
C LEU B 124 8.27 24.81 3.05
N GLU B 125 9.08 25.79 2.69
CA GLU B 125 9.18 26.18 1.30
C GLU B 125 9.68 25.03 0.46
N LYS B 126 10.51 24.18 1.03
CA LYS B 126 11.03 23.07 0.30
C LYS B 126 9.99 21.98 0.22
N ALA B 127 9.28 21.80 1.30
CA ALA B 127 8.27 20.79 1.35
C ALA B 127 7.17 21.13 0.38
N ALA B 128 6.89 22.39 0.20
CA ALA B 128 5.86 22.79 -0.71
C ALA B 128 6.23 22.54 -2.13
N LYS B 129 7.48 22.78 -2.46
CA LYS B 129 7.93 22.56 -3.80
C LYS B 129 7.88 21.08 -4.15
N GLU B 130 8.21 20.22 -3.22
CA GLU B 130 8.15 18.78 -3.49
C GLU B 130 6.71 18.29 -3.57
N LEU B 131 5.83 18.83 -2.72
CA LEU B 131 4.42 18.49 -2.82
C LEU B 131 3.88 18.86 -4.20
N SER B 132 4.28 20.03 -4.71
CA SER B 132 3.78 20.45 -6.02
C SER B 132 4.24 19.49 -7.10
N GLU B 133 5.54 19.16 -7.11
CA GLU B 133 6.06 18.19 -8.06
C GLU B 133 5.31 16.87 -7.97
N CYS B 134 5.09 16.39 -6.75
CA CYS B 134 4.30 15.19 -6.56
C CYS B 134 2.92 15.33 -7.20
N LEU B 135 2.31 16.51 -7.06
CA LEU B 135 0.96 16.72 -7.58
C LEU B 135 0.96 16.84 -9.09
N LYS B 136 2.01 17.44 -9.67
CA LYS B 136 2.09 17.57 -11.13
C LYS B 136 2.11 16.22 -11.80
N ILE B 137 2.89 15.28 -11.28
CA ILE B 137 2.92 13.93 -11.84
C ILE B 137 1.53 13.32 -11.77
N LEU B 138 0.87 13.45 -10.62
CA LEU B 138 -0.47 12.89 -10.46
C LEU B 138 -1.42 13.47 -11.49
N GLU B 139 -1.38 14.80 -11.67
CA GLU B 139 -2.25 15.47 -12.63
C GLU B 139 -1.98 14.99 -14.05
N GLU B 140 -0.73 15.07 -14.47
CA GLU B 140 -0.38 14.84 -15.86
C GLU B 140 -0.47 13.36 -16.22
N GLN B 141 -0.02 12.47 -15.34
CA GLN B 141 0.01 11.07 -15.69
C GLN B 141 -1.17 10.28 -15.13
N GLY B 142 -1.84 10.77 -14.09
CA GLY B 142 -2.91 9.98 -13.51
C GLY B 142 -4.27 10.50 -13.93
N LEU B 143 -4.55 11.75 -13.55
CA LEU B 143 -5.85 12.34 -13.89
C LEU B 143 -5.96 12.60 -15.38
N GLY B 144 -4.94 13.19 -16.00
CA GLY B 144 -5.06 13.58 -17.40
C GLY B 144 -6.22 14.54 -17.66
N ASP B 145 -6.87 14.36 -18.80
CA ASP B 145 -7.99 15.21 -19.21
C ASP B 145 -9.33 14.70 -18.71
N LYS B 146 -9.37 13.75 -17.81
CA LYS B 146 -10.61 13.26 -17.32
C LYS B 146 -11.27 14.12 -16.26
N LYS B 147 -12.58 14.07 -16.23
CA LYS B 147 -13.31 14.80 -15.24
C LYS B 147 -12.98 14.22 -13.88
N PHE B 148 -12.89 12.90 -13.79
CA PHE B 148 -12.55 12.26 -12.55
C PHE B 148 -11.50 11.24 -12.80
N PHE B 149 -10.80 10.80 -11.78
CA PHE B 149 -9.90 9.67 -11.99
C PHE B 149 -10.68 8.46 -12.48
N GLY B 150 -11.94 8.32 -12.02
CA GLY B 150 -12.82 7.32 -12.55
C GLY B 150 -13.47 7.64 -13.87
N GLY B 151 -13.02 8.66 -14.58
CA GLY B 151 -13.63 8.97 -15.88
C GLY B 151 -14.79 9.94 -15.72
N GLU B 152 -15.98 9.48 -16.00
CA GLU B 152 -17.17 10.30 -15.88
C GLU B 152 -17.79 10.26 -14.48
N SER B 153 -17.36 9.37 -13.59
CA SER B 153 -17.86 9.34 -12.23
C SER B 153 -16.72 8.96 -11.29
N MET B 154 -16.95 9.19 -10.00
CA MET B 154 -15.93 8.95 -9.00
C MET B 154 -15.62 7.47 -8.89
N ASN B 155 -14.34 7.14 -8.71
CA ASN B 155 -13.95 5.77 -8.37
C ASN B 155 -13.15 5.79 -7.07
N LEU B 156 -12.55 4.66 -6.72
CA LEU B 156 -11.79 4.61 -5.47
C LEU B 156 -10.58 5.53 -5.48
N VAL B 157 -10.05 5.88 -6.65
CA VAL B 157 -8.93 6.82 -6.70
C VAL B 157 -9.39 8.22 -6.32
N ASP B 158 -10.52 8.66 -6.87
CA ASP B 158 -11.12 9.93 -6.46
C ASP B 158 -11.34 9.98 -4.95
N ILE B 159 -11.91 8.91 -4.39
CA ILE B 159 -12.09 8.85 -2.94
C ILE B 159 -10.75 9.00 -2.21
N SER B 160 -9.70 8.32 -2.70
CA SER B 160 -8.41 8.35 -2.01
C SER B 160 -7.76 9.72 -2.03
N TYR B 161 -7.94 10.47 -3.11
CA TYR B 161 -7.32 11.77 -3.22
C TYR B 161 -8.26 12.91 -2.83
N GLY B 162 -9.46 12.60 -2.34
CA GLY B 162 -10.42 13.66 -2.06
C GLY B 162 -9.88 14.72 -1.12
N ALA B 163 -9.07 14.31 -0.15
CA ALA B 163 -8.40 15.23 0.77
C ALA B 163 -7.65 16.36 0.06
N LEU B 164 -7.27 16.17 -1.20
CA LEU B 164 -6.57 17.24 -1.89
C LEU B 164 -7.41 18.49 -2.03
N GLY B 165 -8.72 18.40 -1.85
CA GLY B 165 -9.59 19.57 -1.84
C GLY B 165 -9.68 20.15 -0.44
N TYR B 166 -10.71 19.73 0.30
CA TYR B 166 -11.08 20.39 1.55
C TYR B 166 -9.96 20.35 2.59
N TRP B 167 -9.27 19.21 2.70
CA TRP B 167 -8.30 19.08 3.78
C TRP B 167 -6.99 19.80 3.47
N LEU B 168 -6.47 19.65 2.24
CA LEU B 168 -5.27 20.40 1.88
C LEU B 168 -5.51 21.91 1.95
N ALA B 169 -6.71 22.37 1.55
CA ALA B 169 -7.01 23.80 1.59
C ALA B 169 -6.91 24.35 3.00
N ALA B 170 -7.46 23.62 3.98
CA ALA B 170 -7.35 24.02 5.37
C ALA B 170 -5.90 24.08 5.82
N VAL B 171 -5.06 23.16 5.35
CA VAL B 171 -3.66 23.15 5.73
C VAL B 171 -2.93 24.33 5.09
N GLU B 172 -3.21 24.58 3.82
CA GLU B 172 -2.59 25.69 3.12
C GLU B 172 -2.92 27.00 3.80
N GLU B 173 -4.19 27.18 4.18
CA GLU B 173 -4.58 28.37 4.91
C GLU B 173 -3.86 28.46 6.25
N ALA B 174 -3.77 27.34 6.97
CA ALA B 174 -3.04 27.36 8.23
C ALA B 174 -1.57 27.72 8.00
N LYS B 175 -0.97 27.20 6.93
CA LYS B 175 0.45 27.39 6.66
C LYS B 175 0.77 28.72 6.02
N GLY B 176 -0.21 29.39 5.42
CA GLY B 176 0.06 30.58 4.63
C GLY B 176 0.67 30.30 3.27
N VAL B 177 0.73 29.04 2.84
CA VAL B 177 1.24 28.67 1.53
C VAL B 177 0.20 27.83 0.82
N THR B 178 -0.17 28.24 -0.38
CA THR B 178 -1.02 27.46 -1.27
C THR B 178 -0.17 26.72 -2.28
N VAL B 179 -0.32 25.39 -2.35
CA VAL B 179 0.41 24.58 -3.32
C VAL B 179 -0.50 24.14 -4.47
N LEU B 180 -1.70 23.67 -4.19
CA LEU B 180 -2.62 23.27 -5.26
C LEU B 180 -3.31 24.54 -5.75
N LYS B 181 -2.69 25.16 -6.76
CA LYS B 181 -3.24 26.40 -7.27
C LYS B 181 -3.58 26.28 -8.76
N PRO B 182 -4.62 26.98 -9.20
CA PRO B 182 -5.08 26.77 -10.58
C PRO B 182 -4.05 27.17 -11.61
N SER B 183 -3.12 28.08 -11.29
CA SER B 183 -2.17 28.54 -12.31
C SER B 183 -1.13 27.47 -12.62
N THR B 184 -0.71 26.70 -11.61
CA THR B 184 0.29 25.66 -11.81
C THR B 184 -0.29 24.26 -11.97
N LEU B 185 -1.52 24.02 -11.47
CA LEU B 185 -2.16 22.71 -11.57
C LEU B 185 -3.61 22.86 -11.99
N PRO B 186 -3.87 23.38 -13.19
CA PRO B 186 -5.26 23.76 -13.55
C PRO B 186 -6.22 22.58 -13.59
N ARG B 187 -5.82 21.47 -14.23
CA ARG B 187 -6.69 20.31 -14.28
C ARG B 187 -6.91 19.72 -12.89
N LEU B 188 -5.86 19.65 -12.07
CA LEU B 188 -6.03 18.99 -10.78
C LEU B 188 -6.79 19.90 -9.83
N HIS B 189 -6.56 21.21 -9.91
CA HIS B 189 -7.36 22.15 -9.14
C HIS B 189 -8.82 22.08 -9.55
N ALA B 190 -9.12 22.14 -10.85
CA ALA B 190 -10.52 22.04 -11.29
C ALA B 190 -11.16 20.74 -10.81
N TRP B 191 -10.37 19.66 -10.80
CA TRP B 191 -10.90 18.38 -10.33
C TRP B 191 -11.25 18.48 -8.84
N ALA B 192 -10.34 19.05 -8.04
CA ALA B 192 -10.58 19.11 -6.59
C ALA B 192 -11.76 20.02 -6.26
N LYS B 193 -11.94 21.07 -7.04
CA LYS B 193 -13.02 22.01 -6.85
C LYS B 193 -14.35 21.33 -7.17
N ASN B 194 -14.42 20.67 -8.30
CA ASN B 194 -15.61 19.91 -8.67
C ASN B 194 -15.96 18.89 -7.59
N LEU B 195 -14.96 18.16 -7.09
CA LEU B 195 -15.23 17.11 -6.11
C LEU B 195 -15.75 17.69 -4.81
N ASP B 196 -15.06 18.72 -4.31
CA ASP B 196 -15.47 19.46 -3.13
C ASP B 196 -16.92 19.98 -3.24
N GLU B 197 -17.42 20.21 -4.45
CA GLU B 197 -18.80 20.68 -4.61
C GLU B 197 -19.81 19.55 -4.81
N LEU B 198 -19.34 18.31 -4.92
CA LEU B 198 -20.25 17.17 -5.05
C LEU B 198 -20.95 16.94 -3.73
N PRO B 199 -22.29 16.83 -3.71
CA PRO B 199 -23.01 16.59 -2.45
C PRO B 199 -22.46 15.42 -1.65
N VAL B 200 -22.11 14.30 -2.29
CA VAL B 200 -21.63 13.18 -1.49
C VAL B 200 -20.37 13.57 -0.74
N VAL B 201 -19.57 14.48 -1.31
CA VAL B 201 -18.40 14.96 -0.58
C VAL B 201 -18.80 16.07 0.37
N LYS B 202 -19.46 17.10 -0.15
CA LYS B 202 -19.73 18.30 0.63
C LYS B 202 -20.55 17.97 1.89
N GLU B 203 -21.48 17.04 1.80
CA GLU B 203 -22.33 16.75 2.96
C GLU B 203 -21.62 15.88 3.98
N ASN B 204 -20.38 15.47 3.71
CA ASN B 204 -19.70 14.49 4.53
C ASN B 204 -18.26 14.88 4.81
N ILE B 205 -17.99 16.17 4.86
CA ILE B 205 -16.71 16.69 5.33
C ILE B 205 -17.01 17.71 6.42
N PRO B 206 -16.10 17.93 7.36
CA PRO B 206 -16.35 18.93 8.41
C PRO B 206 -16.48 20.33 7.84
N ALA B 207 -17.14 21.20 8.58
CA ALA B 207 -17.34 22.58 8.16
C ALA B 207 -16.01 23.27 7.90
N SER B 208 -16.00 24.18 6.93
CA SER B 208 -14.78 24.91 6.58
C SER B 208 -14.07 25.42 7.82
N ASP B 209 -14.74 26.27 8.58
CA ASP B 209 -14.17 26.84 9.80
C ASP B 209 -13.61 25.74 10.70
N LYS B 210 -14.48 24.79 11.08
CA LYS B 210 -14.06 23.70 11.94
C LYS B 210 -12.76 23.08 11.47
N MET B 211 -12.76 22.61 10.22
CA MET B 211 -11.56 21.99 9.64
C MET B 211 -10.31 22.80 9.95
N LEU B 212 -10.28 24.04 9.47
CA LEU B 212 -9.15 24.93 9.68
C LEU B 212 -8.76 24.97 11.16
N ALA B 213 -9.75 25.24 12.01
CA ALA B 213 -9.51 25.31 13.45
C ALA B 213 -8.64 24.16 13.93
N TYR B 214 -9.04 22.93 13.58
CA TYR B 214 -8.30 21.75 13.97
C TYR B 214 -6.89 21.75 13.39
N VAL B 215 -6.79 22.03 12.10
CA VAL B 215 -5.51 22.08 11.41
C VAL B 215 -4.54 23.02 12.13
N THR B 216 -5.03 24.20 12.43
CA THR B 216 -4.27 25.20 13.12
C THR B 216 -3.95 24.73 14.49
N ALA B 217 -4.98 24.28 15.18
CA ALA B 217 -4.88 23.80 16.54
C ALA B 217 -3.64 23.01 16.77
N ALA B 218 -3.23 22.25 15.79
CA ALA B 218 -2.02 21.54 15.98
C ALA B 218 -1.88 20.41 15.02
N MET B 219 -0.88 20.48 14.16
CA MET B 219 0.10 21.57 14.08
C MET B 219 0.70 22.09 15.36
#